data_7MMC
#
_entry.id   7MMC
#
_cell.length_a   45.330
_cell.length_b   58.919
_cell.length_c   96.208
_cell.angle_alpha   90.000
_cell.angle_beta   90.000
_cell.angle_gamma   90.000
#
_symmetry.space_group_name_H-M   'P 21 21 21'
#
loop_
_entity.id
_entity.type
_entity.pdbx_description
1 polymer 'NS3 protease'
2 non-polymer 'ZINC ION'
3 non-polymer '(1-methylcyclopropyl)methyl {(2R,4S,6S,12Z,13aS,14aR,16aS)-2-[(7-methoxy-3-methylquinoxalin-2-yl)oxy]-14a-[(1-methylcyclopropane-1-sulfonyl)carbamoyl]-5,16-dioxo-1,2,3,5,6,7,8,9,10,11,13a,14,14a,15,16,16a-hexadecahydrocyclopropa[e]pyrrolo[1,2-a][1,4]diazacyclopentadecin-6-yl}carbamate'
4 non-polymer 1,2-ETHANEDIOL
5 non-polymer 'SULFATE ION'
6 water water
#
_entity_poly.entity_id   1
_entity_poly.type   'polypeptide(L)'
_entity_poly.pdbx_seq_one_letter_code
;SHMASMKKKGSVVIVGRINLSGDTAYAQQTRGEEGCQETSQTGRDKNQVEGEVQIVSTATQTFLATSINGVLWTVYHGAG
TRTIASPKGPVTQMYTNVDKDLVGWQAPQGSRSLTPCTCGSSDLYLVTRHADVIPVRRRGDSRGSLLSPRPISYLKGSSG
GPLLCPAGHAVGIFRAAVSTRGVAKAVAFIPVESLETTMRS
;
_entity_poly.pdbx_strand_id   A
#
# COMPACT_ATOMS: atom_id res chain seq x y z
N SER A 1 -37.77 -6.76 -5.54
CA SER A 1 -37.70 -5.31 -5.51
C SER A 1 -36.30 -4.81 -5.89
N HIS A 2 -36.26 -3.77 -6.73
CA HIS A 2 -34.98 -3.23 -7.16
C HIS A 2 -34.14 -2.78 -5.97
N MET A 3 -34.69 -1.88 -5.16
CA MET A 3 -33.91 -1.33 -4.04
C MET A 3 -33.58 -2.40 -3.00
N ALA A 4 -34.48 -3.35 -2.79
CA ALA A 4 -34.21 -4.42 -1.84
C ALA A 4 -33.05 -5.30 -2.30
N SER A 5 -32.76 -5.31 -3.60
CA SER A 5 -31.66 -6.10 -4.16
C SER A 5 -30.34 -5.35 -4.18
N MET A 6 -30.33 -4.08 -3.81
CA MET A 6 -29.12 -3.27 -3.88
C MET A 6 -28.13 -3.73 -2.83
N LYS A 7 -27.03 -4.34 -3.27
CA LYS A 7 -26.00 -4.80 -2.36
C LYS A 7 -25.12 -3.64 -1.91
N LYS A 8 -24.28 -3.91 -0.91
CA LYS A 8 -23.30 -2.96 -0.41
C LYS A 8 -21.90 -3.38 -0.82
N LYS A 9 -21.05 -2.41 -1.11
CA LYS A 9 -19.70 -2.71 -1.55
C LYS A 9 -18.87 -3.24 -0.38
N GLY A 10 -17.96 -4.16 -0.68
CA GLY A 10 -17.20 -4.81 0.36
C GLY A 10 -16.12 -3.91 0.95
N SER A 11 -15.54 -4.41 2.02
CA SER A 11 -14.43 -3.73 2.70
C SER A 11 -13.10 -4.17 2.12
N VAL A 12 -12.09 -3.31 2.29
CA VAL A 12 -10.72 -3.73 2.08
C VAL A 12 -10.33 -4.70 3.19
N VAL A 13 -9.55 -5.71 2.84
CA VAL A 13 -9.19 -6.77 3.76
C VAL A 13 -7.67 -6.93 3.76
N ILE A 14 -7.08 -6.99 4.95
CA ILE A 14 -5.67 -7.34 5.08
C ILE A 14 -5.53 -8.84 4.85
N VAL A 15 -4.77 -9.22 3.84
CA VAL A 15 -4.55 -10.61 3.49
C VAL A 15 -3.11 -11.06 3.67
N GLY A 16 -2.24 -10.18 4.15
CA GLY A 16 -0.85 -10.53 4.35
C GLY A 16 -0.05 -9.30 4.75
N ARG A 17 1.27 -9.45 4.70
CA ARG A 17 2.16 -8.37 5.07
C ARG A 17 3.52 -8.58 4.42
N ILE A 18 4.29 -7.50 4.33
CA ILE A 18 5.69 -7.56 3.93
C ILE A 18 6.50 -7.33 5.20
N ASN A 19 7.18 -8.37 5.66
CA ASN A 19 7.96 -8.30 6.89
C ASN A 19 9.32 -7.67 6.60
N LEU A 20 9.57 -6.52 7.23
CA LEU A 20 10.83 -5.80 7.08
C LEU A 20 11.59 -5.71 8.40
N SER A 21 11.31 -6.60 9.34
CA SER A 21 11.86 -6.50 10.68
C SER A 21 13.27 -7.08 10.80
N GLY A 22 13.69 -7.92 9.86
CA GLY A 22 15.00 -8.53 9.91
C GLY A 22 15.91 -8.07 8.80
N ASP A 23 16.84 -8.94 8.38
CA ASP A 23 17.78 -8.60 7.32
C ASP A 23 17.30 -9.07 5.95
N THR A 24 16.28 -9.92 5.88
CA THR A 24 15.56 -10.19 4.63
C THR A 24 14.15 -9.61 4.70
N ALA A 25 13.72 -9.01 3.60
CA ALA A 25 12.30 -8.74 3.42
C ALA A 25 11.62 -10.00 2.89
N TYR A 26 10.44 -10.29 3.41
CA TYR A 26 9.69 -11.42 2.88
C TYR A 26 8.20 -11.22 3.09
N ALA A 27 7.43 -11.73 2.14
CA ALA A 27 5.97 -11.62 2.16
C ALA A 27 5.36 -12.76 2.97
N GLN A 28 4.30 -12.44 3.69
CA GLN A 28 3.55 -13.42 4.47
C GLN A 28 2.08 -13.28 4.11
N GLN A 29 1.43 -14.42 3.84
CA GLN A 29 -0.02 -14.44 3.65
C GLN A 29 -0.68 -14.84 4.96
N THR A 30 -1.69 -14.08 5.36
CA THR A 30 -2.45 -14.36 6.57
C THR A 30 -3.90 -14.74 6.28
N ARG A 31 -4.32 -14.72 5.01
CA ARG A 31 -5.69 -15.04 4.66
C ARG A 31 -5.74 -15.47 3.20
N GLY A 32 -6.43 -16.59 2.94
CA GLY A 32 -6.63 -17.06 1.59
C GLY A 32 -7.84 -16.40 0.92
N GLU A 33 -8.05 -16.79 -0.34
CA GLU A 33 -9.09 -16.17 -1.16
C GLU A 33 -10.45 -16.25 -0.48
N GLU A 34 -10.90 -17.47 -0.17
CA GLU A 34 -12.22 -17.63 0.44
C GLU A 34 -12.35 -16.80 1.70
N GLY A 35 -11.36 -16.87 2.58
CA GLY A 35 -11.40 -16.07 3.80
C GLY A 35 -11.40 -14.58 3.51
N CYS A 36 -10.71 -14.16 2.45
CA CYS A 36 -10.71 -12.75 2.08
C CYS A 36 -12.10 -12.29 1.65
N GLN A 37 -12.75 -13.06 0.78
CA GLN A 37 -14.06 -12.67 0.28
C GLN A 37 -15.08 -12.63 1.41
N GLU A 38 -15.04 -13.60 2.31
CA GLU A 38 -15.97 -13.60 3.44
C GLU A 38 -15.72 -12.40 4.34
N THR A 39 -14.45 -12.13 4.66
CA THR A 39 -14.13 -11.00 5.53
C THR A 39 -14.50 -9.67 4.87
N SER A 40 -14.44 -9.59 3.54
CA SER A 40 -14.78 -8.35 2.86
C SER A 40 -16.27 -8.03 3.01
N GLN A 41 -17.11 -9.06 2.96
CA GLN A 41 -18.56 -8.83 3.05
C GLN A 41 -18.99 -8.47 4.46
N THR A 42 -18.38 -9.10 5.46
CA THR A 42 -18.76 -8.84 6.85
C THR A 42 -18.05 -7.64 7.44
N GLY A 43 -16.82 -7.36 7.02
CA GLY A 43 -16.04 -6.30 7.60
C GLY A 43 -15.46 -6.61 8.97
N ARG A 44 -15.57 -7.85 9.43
CA ARG A 44 -15.09 -8.27 10.73
C ARG A 44 -13.82 -9.11 10.52
N ASP A 45 -12.69 -8.55 10.92
CA ASP A 45 -11.38 -9.19 10.80
C ASP A 45 -10.79 -9.32 12.19
N LYS A 46 -10.81 -10.54 12.74
CA LYS A 46 -10.27 -10.80 14.06
C LYS A 46 -8.79 -11.19 14.03
N ASN A 47 -8.19 -11.30 12.84
CA ASN A 47 -6.79 -11.65 12.75
C ASN A 47 -5.93 -10.59 13.42
N GLN A 48 -4.86 -11.03 14.09
CA GLN A 48 -3.93 -10.10 14.70
C GLN A 48 -3.07 -9.45 13.61
N VAL A 49 -3.04 -8.14 13.61
CA VAL A 49 -2.26 -7.38 12.63
C VAL A 49 -0.89 -7.08 13.21
N GLU A 50 0.14 -7.16 12.37
CA GLU A 50 1.50 -6.85 12.77
C GLU A 50 2.23 -6.16 11.63
N GLY A 51 3.27 -5.40 11.99
CA GLY A 51 4.15 -4.81 11.01
C GLY A 51 3.65 -3.49 10.47
N GLU A 52 4.41 -2.97 9.50
CA GLU A 52 4.18 -1.66 8.91
C GLU A 52 3.53 -1.73 7.54
N VAL A 53 3.89 -2.72 6.73
CA VAL A 53 3.41 -2.85 5.37
C VAL A 53 2.46 -4.02 5.30
N GLN A 54 1.21 -3.76 4.92
CA GLN A 54 0.18 -4.77 4.80
C GLN A 54 -0.10 -5.05 3.32
N ILE A 55 -0.40 -6.30 3.02
CA ILE A 55 -0.98 -6.68 1.73
C ILE A 55 -2.50 -6.66 1.89
N VAL A 56 -3.16 -5.89 1.03
CA VAL A 56 -4.60 -5.69 1.15
C VAL A 56 -5.27 -6.09 -0.16
N SER A 57 -6.55 -6.41 -0.07
CA SER A 57 -7.31 -6.84 -1.22
C SER A 57 -8.76 -6.39 -1.08
N THR A 58 -9.37 -6.09 -2.22
CA THR A 58 -10.80 -5.94 -2.34
C THR A 58 -11.37 -7.22 -2.96
N ALA A 59 -12.64 -7.17 -3.36
CA ALA A 59 -13.20 -8.29 -4.09
C ALA A 59 -12.51 -8.51 -5.42
N THR A 60 -11.86 -7.49 -5.97
CA THR A 60 -11.36 -7.53 -7.35
C THR A 60 -9.90 -7.14 -7.52
N GLN A 61 -9.27 -6.47 -6.54
N GLN A 61 -9.28 -6.47 -6.54
CA GLN A 61 -7.90 -6.02 -6.69
CA GLN A 61 -7.90 -6.01 -6.68
C GLN A 61 -7.12 -6.32 -5.42
C GLN A 61 -7.12 -6.32 -5.41
N THR A 62 -5.80 -6.38 -5.56
CA THR A 62 -4.88 -6.58 -4.46
C THR A 62 -3.72 -5.60 -4.60
N PHE A 63 -3.32 -5.01 -3.47
CA PHE A 63 -2.27 -4.00 -3.47
C PHE A 63 -1.70 -3.94 -2.05
N LEU A 64 -1.03 -2.83 -1.72
CA LEU A 64 -0.36 -2.68 -0.43
C LEU A 64 -0.90 -1.48 0.32
N ALA A 65 -0.60 -1.46 1.62
CA ALA A 65 -0.94 -0.36 2.51
C ALA A 65 0.21 -0.18 3.50
N THR A 66 0.55 1.07 3.80
CA THR A 66 1.68 1.38 4.66
C THR A 66 1.23 2.26 5.80
N SER A 67 1.61 1.88 7.02
CA SER A 67 1.26 2.64 8.22
C SER A 67 2.35 3.69 8.48
N ILE A 68 1.94 4.95 8.48
CA ILE A 68 2.81 6.07 8.80
C ILE A 68 2.02 7.06 9.65
N ASN A 69 2.64 7.56 10.73
CA ASN A 69 2.00 8.54 11.60
C ASN A 69 0.67 8.03 12.13
N GLY A 70 0.62 6.73 12.46
CA GLY A 70 -0.57 6.16 13.03
C GLY A 70 -1.73 5.98 12.08
N VAL A 71 -1.51 6.11 10.78
CA VAL A 71 -2.55 5.95 9.76
C VAL A 71 -2.07 4.90 8.76
N LEU A 72 -2.96 3.97 8.42
CA LEU A 72 -2.69 2.99 7.36
C LEU A 72 -3.07 3.63 6.03
N TRP A 73 -2.06 3.96 5.22
CA TRP A 73 -2.26 4.67 3.97
C TRP A 73 -2.26 3.69 2.79
N THR A 74 -3.01 4.04 1.75
CA THR A 74 -2.97 3.33 0.48
C THR A 74 -3.52 4.25 -0.60
N VAL A 75 -3.62 3.73 -1.82
CA VAL A 75 -4.00 4.52 -2.98
C VAL A 75 -5.51 4.49 -3.15
N TYR A 76 -6.06 5.60 -3.66
CA TYR A 76 -7.48 5.65 -3.96
C TYR A 76 -7.84 4.75 -5.14
N HIS A 77 -6.95 4.65 -6.12
CA HIS A 77 -7.25 3.83 -7.29
C HIS A 77 -7.30 2.34 -6.95
N GLY A 78 -6.93 1.96 -5.74
CA GLY A 78 -7.12 0.59 -5.27
C GLY A 78 -8.29 0.45 -4.33
N ALA A 79 -8.35 1.31 -3.31
CA ALA A 79 -9.34 1.17 -2.25
C ALA A 79 -10.61 1.98 -2.48
N GLY A 80 -10.58 2.98 -3.35
CA GLY A 80 -11.72 3.87 -3.45
C GLY A 80 -12.07 4.45 -2.11
N THR A 81 -13.37 4.55 -1.83
CA THR A 81 -13.89 5.04 -0.56
C THR A 81 -14.23 3.91 0.42
N ARG A 82 -13.73 2.70 0.16
N ARG A 82 -13.73 2.70 0.16
CA ARG A 82 -14.15 1.54 0.92
CA ARG A 82 -14.14 1.54 0.93
C ARG A 82 -13.71 1.62 2.39
C ARG A 82 -13.72 1.65 2.39
N THR A 83 -14.51 1.01 3.25
CA THR A 83 -14.10 0.78 4.63
C THR A 83 -13.06 -0.34 4.67
N ILE A 84 -12.48 -0.54 5.84
CA ILE A 84 -11.51 -1.61 6.05
C ILE A 84 -12.02 -2.52 7.16
N ALA A 85 -11.85 -3.82 6.99
CA ALA A 85 -12.29 -4.78 7.98
C ALA A 85 -11.39 -4.74 9.20
N SER A 86 -12.00 -4.85 10.38
CA SER A 86 -11.28 -4.73 11.64
C SER A 86 -11.93 -5.62 12.67
N PRO A 87 -11.32 -5.77 13.84
CA PRO A 87 -11.90 -6.64 14.87
C PRO A 87 -13.28 -6.20 15.34
N LYS A 88 -13.59 -4.90 15.29
CA LYS A 88 -14.87 -4.38 15.78
C LYS A 88 -15.82 -4.00 14.65
N GLY A 89 -15.58 -4.50 13.43
CA GLY A 89 -16.45 -4.21 12.32
C GLY A 89 -15.78 -3.33 11.28
N PRO A 90 -16.50 -3.00 10.21
CA PRO A 90 -15.91 -2.17 9.16
C PRO A 90 -15.63 -0.75 9.64
N VAL A 91 -14.48 -0.22 9.21
CA VAL A 91 -13.98 1.06 9.67
C VAL A 91 -13.92 2.03 8.50
N THR A 92 -14.49 3.22 8.70
CA THR A 92 -14.53 4.24 7.66
C THR A 92 -13.20 4.96 7.57
N GLN A 93 -12.88 5.43 6.36
CA GLN A 93 -11.60 6.09 6.12
C GLN A 93 -11.46 7.35 6.98
N MET A 94 -10.24 7.58 7.47
CA MET A 94 -9.90 8.82 8.14
C MET A 94 -9.65 9.95 7.16
N TYR A 95 -9.18 9.60 5.96
CA TYR A 95 -8.62 10.56 5.03
C TYR A 95 -8.94 10.07 3.64
N THR A 96 -9.42 10.97 2.78
CA THR A 96 -9.74 10.64 1.41
C THR A 96 -9.38 11.83 0.53
N ASN A 97 -8.45 11.62 -0.40
CA ASN A 97 -8.04 12.69 -1.32
C ASN A 97 -7.73 12.05 -2.67
N VAL A 98 -8.73 12.04 -3.54
CA VAL A 98 -8.59 11.48 -4.88
C VAL A 98 -7.57 12.27 -5.69
N ASP A 99 -7.41 13.56 -5.38
CA ASP A 99 -6.46 14.38 -6.12
C ASP A 99 -5.02 13.98 -5.83
N LYS A 100 -4.76 13.34 -4.69
CA LYS A 100 -3.46 12.77 -4.38
C LYS A 100 -3.45 11.26 -4.55
N ASP A 101 -4.56 10.66 -4.98
CA ASP A 101 -4.68 9.21 -5.07
C ASP A 101 -4.36 8.56 -3.73
N LEU A 102 -4.95 9.10 -2.67
CA LEU A 102 -4.55 8.79 -1.31
C LEU A 102 -5.77 8.63 -0.42
N VAL A 103 -5.79 7.55 0.36
CA VAL A 103 -6.79 7.33 1.40
C VAL A 103 -6.08 6.83 2.64
N GLY A 104 -6.78 6.92 3.77
CA GLY A 104 -6.21 6.44 5.02
C GLY A 104 -7.25 6.02 6.05
N TRP A 105 -6.98 4.93 6.74
CA TRP A 105 -7.74 4.52 7.92
C TRP A 105 -6.83 4.63 9.14
N GLN A 106 -7.46 4.78 10.31
CA GLN A 106 -6.72 4.67 11.56
C GLN A 106 -5.96 3.34 11.58
N ALA A 107 -4.72 3.39 12.05
CA ALA A 107 -3.87 2.22 11.96
C ALA A 107 -4.37 1.11 12.88
N PRO A 108 -4.25 -0.16 12.47
CA PRO A 108 -4.74 -1.26 13.31
C PRO A 108 -4.05 -1.33 14.67
N GLN A 109 -4.83 -1.77 15.66
CA GLN A 109 -4.26 -2.24 16.92
C GLN A 109 -3.23 -3.34 16.64
N GLY A 110 -2.01 -3.13 17.12
CA GLY A 110 -0.94 -4.08 16.92
C GLY A 110 0.00 -3.77 15.78
N SER A 111 -0.40 -2.87 14.87
CA SER A 111 0.50 -2.43 13.82
C SER A 111 1.50 -1.43 14.37
N ARG A 112 2.51 -1.14 13.56
CA ARG A 112 3.50 -0.10 13.87
C ARG A 112 3.69 0.77 12.63
N SER A 113 4.08 2.01 12.86
CA SER A 113 4.26 2.97 11.77
C SER A 113 5.75 3.13 11.45
N LEU A 114 6.03 3.35 10.17
CA LEU A 114 7.36 3.77 9.78
C LEU A 114 7.58 5.23 10.12
N THR A 115 8.85 5.62 10.24
CA THR A 115 9.20 7.00 10.54
C THR A 115 9.33 7.79 9.24
N PRO A 116 8.73 8.98 9.15
CA PRO A 116 8.99 9.82 7.97
C PRO A 116 10.47 10.20 7.87
N CYS A 117 11.03 10.03 6.67
CA CYS A 117 12.42 10.41 6.43
C CYS A 117 12.54 11.92 6.42
N THR A 118 13.56 12.43 7.12
CA THR A 118 13.94 13.83 7.04
C THR A 118 15.33 13.99 6.46
N CYS A 119 15.86 12.92 5.84
CA CYS A 119 17.24 12.92 5.36
C CYS A 119 17.44 13.72 4.09
N GLY A 120 16.39 13.98 3.32
CA GLY A 120 16.56 14.58 2.01
C GLY A 120 17.39 13.73 1.08
N SER A 121 17.36 12.41 1.26
CA SER A 121 18.14 11.51 0.43
C SER A 121 17.54 11.40 -0.97
N SER A 122 18.39 11.05 -1.93
CA SER A 122 17.94 10.72 -3.27
C SER A 122 18.22 9.26 -3.63
N ASP A 123 18.68 8.46 -2.67
CA ASP A 123 18.82 7.01 -2.84
C ASP A 123 17.64 6.36 -2.13
N LEU A 124 16.67 5.90 -2.90
CA LEU A 124 15.43 5.36 -2.37
C LEU A 124 15.34 3.87 -2.66
N TYR A 125 14.43 3.21 -1.94
CA TYR A 125 14.22 1.77 -2.07
C TYR A 125 12.73 1.48 -2.04
N LEU A 126 12.22 0.95 -3.14
CA LEU A 126 10.81 0.60 -3.28
C LEU A 126 10.60 -0.86 -2.89
N VAL A 127 9.66 -1.10 -1.98
CA VAL A 127 9.34 -2.45 -1.53
C VAL A 127 8.08 -2.91 -2.25
N THR A 128 8.17 -4.04 -2.93
CA THR A 128 7.06 -4.57 -3.73
C THR A 128 6.28 -5.61 -2.92
N ARG A 129 5.10 -5.96 -3.45
CA ARG A 129 4.27 -6.97 -2.80
C ARG A 129 4.96 -8.33 -2.75
N HIS A 130 6.00 -8.53 -3.56
CA HIS A 130 6.78 -9.76 -3.54
C HIS A 130 8.02 -9.64 -2.67
N ALA A 131 8.11 -8.59 -1.87
CA ALA A 131 9.22 -8.36 -0.94
C ALA A 131 10.53 -8.07 -1.66
N ASP A 132 10.47 -7.68 -2.93
CA ASP A 132 11.66 -7.18 -3.61
C ASP A 132 11.94 -5.75 -3.16
N VAL A 133 13.23 -5.44 -3.02
CA VAL A 133 13.68 -4.11 -2.65
C VAL A 133 14.41 -3.54 -3.86
N ILE A 134 13.80 -2.55 -4.49
CA ILE A 134 14.23 -2.04 -5.79
C ILE A 134 14.88 -0.67 -5.58
N PRO A 135 16.17 -0.52 -5.85
CA PRO A 135 16.79 0.81 -5.74
C PRO A 135 16.17 1.79 -6.73
N VAL A 136 15.91 3.00 -6.25
CA VAL A 136 15.35 4.07 -7.07
C VAL A 136 16.10 5.36 -6.76
N ARG A 137 16.44 6.10 -7.81
CA ARG A 137 17.07 7.41 -7.67
C ARG A 137 16.00 8.47 -7.68
N ARG A 138 15.87 9.22 -6.59
CA ARG A 138 14.84 10.23 -6.47
C ARG A 138 15.04 11.32 -7.52
N ARG A 139 13.93 11.72 -8.15
CA ARG A 139 13.90 12.86 -9.06
C ARG A 139 12.90 13.86 -8.51
N GLY A 140 13.41 14.96 -7.96
CA GLY A 140 12.52 15.96 -7.42
C GLY A 140 11.80 15.48 -6.17
N ASP A 141 10.58 15.98 -5.98
CA ASP A 141 9.83 15.73 -4.75
C ASP A 141 9.05 14.42 -4.75
N SER A 142 8.58 13.95 -5.93
CA SER A 142 7.63 12.85 -5.93
C SER A 142 7.86 11.86 -7.07
N ARG A 143 9.07 11.81 -7.64
CA ARG A 143 9.38 10.89 -8.72
C ARG A 143 10.70 10.20 -8.45
N GLY A 144 10.96 9.14 -9.21
CA GLY A 144 12.20 8.40 -9.08
C GLY A 144 12.45 7.55 -10.30
N SER A 145 13.72 7.28 -10.57
N SER A 145 13.73 7.28 -10.56
CA SER A 145 14.13 6.48 -11.73
CA SER A 145 14.17 6.47 -11.69
C SER A 145 14.74 5.17 -11.24
C SER A 145 14.69 5.14 -11.18
N LEU A 146 14.29 4.07 -11.83
N LEU A 146 14.29 4.06 -11.83
CA LEU A 146 14.83 2.77 -11.47
CA LEU A 146 14.81 2.73 -11.48
C LEU A 146 16.30 2.65 -11.87
C LEU A 146 16.28 2.64 -11.88
N LEU A 147 17.11 2.13 -10.96
CA LEU A 147 18.52 1.93 -11.28
C LEU A 147 18.70 0.82 -12.30
N SER A 148 17.96 -0.27 -12.15
CA SER A 148 17.95 -1.38 -13.10
C SER A 148 16.52 -1.60 -13.57
N PRO A 149 16.11 -1.04 -14.70
CA PRO A 149 14.77 -1.30 -15.22
C PRO A 149 14.43 -2.77 -15.26
N ARG A 150 13.24 -3.10 -14.77
CA ARG A 150 12.70 -4.46 -14.79
C ARG A 150 11.40 -4.47 -15.58
N PRO A 151 10.84 -5.65 -15.86
CA PRO A 151 9.53 -5.69 -16.51
C PRO A 151 8.47 -5.06 -15.61
N ILE A 152 7.50 -4.40 -16.24
CA ILE A 152 6.49 -3.70 -15.46
C ILE A 152 5.69 -4.67 -14.61
N SER A 153 5.61 -5.94 -15.01
N SER A 153 5.61 -5.94 -15.01
CA SER A 153 4.92 -6.93 -14.19
CA SER A 153 4.92 -6.93 -14.19
C SER A 153 5.53 -7.02 -12.80
C SER A 153 5.53 -7.02 -12.80
N TYR A 154 6.82 -6.71 -12.66
CA TYR A 154 7.47 -6.76 -11.36
C TYR A 154 6.91 -5.74 -10.38
N LEU A 155 6.28 -4.68 -10.87
CA LEU A 155 5.75 -3.62 -10.02
C LEU A 155 4.23 -3.66 -9.85
N LYS A 156 3.51 -4.30 -10.75
CA LYS A 156 2.05 -4.30 -10.66
C LYS A 156 1.60 -4.86 -9.32
N GLY A 157 0.60 -4.21 -8.73
CA GLY A 157 0.06 -4.64 -7.46
C GLY A 157 0.84 -4.18 -6.25
N SER A 158 1.81 -3.29 -6.41
CA SER A 158 2.60 -2.79 -5.29
C SER A 158 2.25 -1.35 -4.92
N SER A 159 1.29 -0.74 -5.59
CA SER A 159 0.83 0.59 -5.19
C SER A 159 0.41 0.55 -3.73
N GLY A 160 0.68 1.65 -3.03
CA GLY A 160 0.47 1.72 -1.60
C GLY A 160 1.64 1.25 -0.77
N GLY A 161 2.64 0.64 -1.40
CA GLY A 161 3.82 0.20 -0.69
C GLY A 161 4.80 1.35 -0.51
N PRO A 162 5.77 1.18 0.39
CA PRO A 162 6.65 2.30 0.73
C PRO A 162 7.88 2.41 -0.14
N LEU A 163 8.30 3.66 -0.33
CA LEU A 163 9.65 3.99 -0.78
C LEU A 163 10.44 4.45 0.43
N LEU A 164 11.53 3.76 0.72
CA LEU A 164 12.30 4.01 1.93
C LEU A 164 13.66 4.61 1.61
N CYS A 165 14.16 5.43 2.52
CA CYS A 165 15.50 5.99 2.43
C CYS A 165 16.50 4.92 2.87
N PRO A 166 17.80 5.20 2.78
CA PRO A 166 18.79 4.18 3.17
C PRO A 166 18.64 3.72 4.61
N ALA A 167 18.26 4.61 5.52
CA ALA A 167 18.10 4.25 6.93
C ALA A 167 16.78 3.58 7.23
N GLY A 168 15.88 3.46 6.26
CA GLY A 168 14.63 2.77 6.46
C GLY A 168 13.46 3.64 6.85
N HIS A 169 13.59 4.96 6.81
CA HIS A 169 12.44 5.82 7.01
C HIS A 169 11.54 5.77 5.79
N ALA A 170 10.29 6.19 5.98
CA ALA A 170 9.33 6.27 4.89
C ALA A 170 9.47 7.61 4.16
N VAL A 171 9.71 7.55 2.85
CA VAL A 171 9.84 8.75 2.03
C VAL A 171 8.52 9.01 1.30
N GLY A 172 7.75 7.95 1.08
CA GLY A 172 6.47 8.06 0.40
C GLY A 172 5.91 6.69 0.13
N ILE A 173 4.76 6.68 -0.56
CA ILE A 173 4.11 5.43 -0.93
C ILE A 173 3.92 5.41 -2.45
N PHE A 174 4.10 4.21 -3.01
CA PHE A 174 4.12 3.99 -4.45
C PHE A 174 2.75 4.27 -5.06
N ARG A 175 2.72 5.17 -6.06
N ARG A 175 2.71 5.16 -6.06
CA ARG A 175 1.47 5.60 -6.70
CA ARG A 175 1.46 5.55 -6.70
C ARG A 175 1.35 5.11 -8.14
C ARG A 175 1.34 5.09 -8.15
N ALA A 176 2.34 5.37 -8.98
CA ALA A 176 2.26 5.02 -10.40
C ALA A 176 3.66 4.74 -10.95
N ALA A 177 3.68 4.14 -12.13
CA ALA A 177 4.92 3.73 -12.79
C ALA A 177 4.87 4.12 -14.26
N VAL A 178 6.04 4.48 -14.79
CA VAL A 178 6.19 4.90 -16.18
C VAL A 178 7.06 3.86 -16.88
N SER A 179 6.61 3.38 -18.03
N SER A 179 6.60 3.37 -18.03
CA SER A 179 7.31 2.32 -18.76
CA SER A 179 7.29 2.32 -18.77
C SER A 179 7.47 2.73 -20.22
C SER A 179 7.49 2.75 -20.22
N THR A 180 8.44 2.09 -20.88
CA THR A 180 8.78 2.36 -22.27
C THR A 180 9.05 1.03 -22.96
N ARG A 181 8.05 0.49 -23.65
CA ARG A 181 8.17 -0.79 -24.32
C ARG A 181 8.05 -1.94 -23.31
N GLY A 182 7.22 -1.74 -22.29
CA GLY A 182 6.97 -2.77 -21.30
C GLY A 182 7.99 -2.87 -20.19
N VAL A 183 9.02 -2.03 -20.19
CA VAL A 183 10.04 -2.02 -19.15
C VAL A 183 9.81 -0.81 -18.27
N ALA A 184 9.74 -1.05 -16.95
CA ALA A 184 9.57 0.05 -16.01
C ALA A 184 10.83 0.89 -15.94
N LYS A 185 10.69 2.19 -16.15
CA LYS A 185 11.81 3.13 -16.10
C LYS A 185 11.76 4.08 -14.93
N ALA A 186 10.57 4.47 -14.47
CA ALA A 186 10.45 5.45 -13.40
C ALA A 186 9.15 5.21 -12.64
N VAL A 187 9.06 5.84 -11.46
CA VAL A 187 7.90 5.71 -10.60
C VAL A 187 7.51 7.08 -10.06
N ALA A 188 6.25 7.20 -9.67
CA ALA A 188 5.74 8.34 -8.93
C ALA A 188 5.26 7.88 -7.57
N PHE A 189 5.45 8.71 -6.55
CA PHE A 189 5.02 8.36 -5.21
C PHE A 189 4.43 9.58 -4.53
N ILE A 190 3.63 9.33 -3.50
CA ILE A 190 3.01 10.39 -2.70
C ILE A 190 3.99 10.73 -1.59
N PRO A 191 4.56 11.94 -1.56
CA PRO A 191 5.57 12.25 -0.54
C PRO A 191 5.01 12.11 0.87
N VAL A 192 5.86 11.63 1.78
CA VAL A 192 5.43 11.41 3.16
C VAL A 192 4.90 12.69 3.78
N GLU A 193 5.34 13.85 3.28
CA GLU A 193 4.84 15.12 3.78
C GLU A 193 3.31 15.18 3.72
N SER A 194 2.70 14.43 2.81
CA SER A 194 1.25 14.39 2.67
C SER A 194 0.61 13.27 3.49
N LEU A 195 1.39 12.32 4.00
CA LEU A 195 0.85 11.19 4.74
C LEU A 195 0.81 11.54 6.24
N GLU A 196 -0.06 12.49 6.56
CA GLU A 196 -0.22 12.96 7.93
C GLU A 196 -1.53 13.70 8.03
N THR A 197 -2.30 13.41 9.08
CA THR A 197 -3.59 14.05 9.27
C THR A 197 -3.55 15.04 10.44
#